data_9FVP
#
_entry.id   9FVP
#
_cell.length_a   82.304
_cell.length_b   112.491
_cell.length_c   62.612
_cell.angle_alpha   90.00
_cell.angle_beta   90.00
_cell.angle_gamma   90.00
#
_symmetry.space_group_name_H-M   'C 2 2 21'
#
loop_
_entity.id
_entity.type
_entity.pdbx_description
1 polymer '14-3-3 protein sigma'
2 polymer 'Microtubule-associated protein tau'
3 non-polymer 1-(3-bromanyl-4-methyl-phenyl)-2-(4-methylphenyl)imidazole
4 water water
#
loop_
_entity_poly.entity_id
_entity_poly.type
_entity_poly.pdbx_seq_one_letter_code
_entity_poly.pdbx_strand_id
1 'polypeptide(L)'
;GAMGSMERASLIQKAKLAEQAERYEDMAAFMKGAVEKGEELSCEERNLLSVAYKNVVGGQRAAWRVLSSIEQKSNEEGSE
EKGPEVREYRKKVETELQGVCDTVLGLLDSHLIKEAGDAESRVFYLKMKGDYYRYLAEVATGDDKKRIIDSARSAYQEAM
DISKKEMPPTNPIRLGLALNFSVFHYEIANSPEEAISLAKTTFDEAMADLHTLSEDSYKDSTLIMQLLRDNLTLWT
;
A
2 'polypeptide(L)' SRTP(SEP)LPTPPTRE P
#
# COMPACT_ATOMS: atom_id res chain seq x y z
N GLY A 1 -21.28 -5.29 8.54
CA GLY A 1 -22.60 -5.13 9.13
C GLY A 1 -23.07 -3.68 9.11
N ALA A 2 -22.23 -2.76 9.68
CA ALA A 2 -22.71 -1.44 10.09
C ALA A 2 -23.21 -0.56 8.94
N MET A 3 -22.63 -0.74 7.75
CA MET A 3 -23.04 0.05 6.60
C MET A 3 -24.01 -0.70 5.70
N GLY A 4 -24.47 -1.86 6.18
CA GLY A 4 -25.34 -2.71 5.39
C GLY A 4 -26.64 -2.09 4.89
N SER A 5 -27.13 -1.09 5.63
CA SER A 5 -28.39 -0.45 5.26
C SER A 5 -28.24 0.75 4.35
N MET A 6 -27.00 1.18 4.06
CA MET A 6 -26.81 2.37 3.26
C MET A 6 -26.56 1.97 1.80
N GLU A 7 -27.17 2.69 0.87
CA GLU A 7 -26.91 2.51 -0.55
C GLU A 7 -25.44 2.58 -0.92
N ARG A 8 -25.03 1.70 -1.84
CA ARG A 8 -23.66 1.74 -2.35
C ARG A 8 -23.27 3.15 -2.81
N ALA A 9 -24.13 3.80 -3.61
CA ALA A 9 -23.79 5.12 -4.14
C ALA A 9 -23.64 6.14 -3.01
N SER A 10 -24.44 6.03 -1.96
CA SER A 10 -24.36 6.91 -0.81
C SER A 10 -23.05 6.70 -0.06
N LEU A 11 -22.63 5.45 0.10
CA LEU A 11 -21.33 5.14 0.70
C LEU A 11 -20.18 5.80 -0.05
N ILE A 12 -20.21 5.72 -1.38
CA ILE A 12 -19.13 6.31 -2.18
C ILE A 12 -19.19 7.82 -2.04
N GLN A 13 -20.38 8.39 -2.14
CA GLN A 13 -20.55 9.83 -1.96
C GLN A 13 -20.00 10.31 -0.60
N LYS A 14 -20.32 9.56 0.46
CA LYS A 14 -19.85 9.91 1.79
C LYS A 14 -18.36 9.68 1.98
N ALA A 15 -17.80 8.67 1.29
CA ALA A 15 -16.36 8.52 1.33
C ALA A 15 -15.67 9.76 0.76
N LYS A 16 -16.22 10.30 -0.32
CA LYS A 16 -15.61 11.48 -0.91
C LYS A 16 -15.72 12.67 0.04
N LEU A 17 -16.88 12.82 0.69
CA LEU A 17 -17.06 13.88 1.69
C LEU A 17 -16.09 13.72 2.85
N ALA A 18 -15.89 12.49 3.32
CA ALA A 18 -15.00 12.22 4.43
C ALA A 18 -13.57 12.57 4.03
N GLU A 19 -13.19 12.29 2.79
CA GLU A 19 -11.86 12.66 2.30
C GLU A 19 -11.73 14.20 2.40
N GLN A 20 -12.73 14.94 1.92
CA GLN A 20 -12.64 16.40 1.95
C GLN A 20 -12.50 16.91 3.37
N ALA A 21 -13.16 16.24 4.31
CA ALA A 21 -13.17 16.60 5.73
C ALA A 21 -11.97 16.04 6.51
N GLU A 22 -11.09 15.34 5.83
CA GLU A 22 -9.96 14.66 6.45
C GLU A 22 -10.33 13.72 7.57
N ARG A 23 -11.46 13.04 7.37
CA ARG A 23 -12.00 12.05 8.29
C ARG A 23 -11.73 10.67 7.69
N TYR A 24 -10.47 10.25 7.77
CA TYR A 24 -10.10 9.03 7.09
C TYR A 24 -10.62 7.72 7.69
N GLU A 25 -10.83 7.66 9.02
CA GLU A 25 -11.42 6.49 9.65
C GLU A 25 -12.82 6.34 9.04
N ASP A 26 -13.59 7.42 8.99
CA ASP A 26 -14.93 7.36 8.40
C ASP A 26 -14.85 6.94 6.93
N MET A 27 -13.91 7.55 6.21
CA MET A 27 -13.73 7.22 4.81
C MET A 27 -13.53 5.72 4.62
N ALA A 28 -12.66 5.13 5.42
CA ALA A 28 -12.34 3.72 5.34
C ALA A 28 -13.57 2.86 5.65
N ALA A 29 -14.36 3.25 6.66
CA ALA A 29 -15.56 2.53 7.01
C ALA A 29 -16.59 2.58 5.87
N PHE A 30 -16.72 3.74 5.23
CA PHE A 30 -17.62 3.88 4.10
C PHE A 30 -17.16 2.97 2.94
N MET A 31 -15.85 3.03 2.63
CA MET A 31 -15.36 2.21 1.51
C MET A 31 -15.43 0.71 1.82
N LYS A 32 -15.19 0.28 3.07
CA LYS A 32 -15.40 -1.10 3.44
C LYS A 32 -16.86 -1.48 3.18
N GLY A 33 -17.78 -0.62 3.60
CA GLY A 33 -19.18 -0.86 3.35
C GLY A 33 -19.45 -1.04 1.86
N ALA A 34 -18.82 -0.19 1.04
CA ALA A 34 -19.04 -0.27 -0.38
C ALA A 34 -18.52 -1.57 -0.97
N VAL A 35 -17.32 -1.99 -0.53
CA VAL A 35 -16.76 -3.26 -0.98
C VAL A 35 -17.69 -4.40 -0.61
N GLU A 36 -18.24 -4.34 0.61
CA GLU A 36 -19.08 -5.44 1.10
C GLU A 36 -20.41 -5.52 0.38
N LYS A 37 -20.73 -4.57 -0.49
CA LYS A 37 -21.90 -4.70 -1.34
C LYS A 37 -21.73 -5.78 -2.41
N GLY A 38 -20.47 -6.15 -2.67
CA GLY A 38 -20.19 -7.33 -3.48
C GLY A 38 -19.90 -7.06 -4.95
N GLU A 39 -20.09 -5.82 -5.39
CA GLU A 39 -19.76 -5.47 -6.76
C GLU A 39 -18.29 -5.08 -6.89
N GLU A 40 -17.77 -5.23 -8.11
CA GLU A 40 -16.42 -4.78 -8.45
C GLU A 40 -16.35 -3.27 -8.22
N LEU A 41 -15.13 -2.79 -7.99
CA LEU A 41 -14.89 -1.38 -7.84
C LEU A 41 -14.36 -0.80 -9.14
N SER A 42 -14.80 0.41 -9.45
CA SER A 42 -14.23 1.14 -10.56
C SER A 42 -12.85 1.67 -10.20
N CYS A 43 -12.17 2.28 -11.17
CA CYS A 43 -10.88 2.87 -10.95
C CYS A 43 -10.89 3.92 -9.86
N GLU A 44 -11.85 4.85 -9.94
CA GLU A 44 -11.98 5.89 -8.93
C GLU A 44 -12.27 5.29 -7.56
N GLU A 45 -13.13 4.27 -7.50
CA GLU A 45 -13.48 3.65 -6.23
C GLU A 45 -12.27 2.94 -5.61
N ARG A 46 -11.46 2.28 -6.45
CA ARG A 46 -10.27 1.62 -5.93
C ARG A 46 -9.34 2.65 -5.31
N ASN A 47 -9.19 3.79 -5.96
CA ASN A 47 -8.35 4.84 -5.41
C ASN A 47 -8.92 5.33 -4.09
N LEU A 48 -10.26 5.44 -3.94
CA LEU A 48 -10.80 5.90 -2.67
C LEU A 48 -10.48 4.91 -1.56
N LEU A 49 -10.61 3.62 -1.85
CA LEU A 49 -10.36 2.57 -0.87
C LEU A 49 -8.91 2.69 -0.40
N SER A 50 -8.01 2.86 -1.38
CA SER A 50 -6.60 2.92 -1.08
C SER A 50 -6.21 4.16 -0.27
N VAL A 51 -6.73 5.31 -0.64
CA VAL A 51 -6.47 6.54 0.10
C VAL A 51 -6.94 6.44 1.56
N ALA A 52 -8.13 5.86 1.75
CA ALA A 52 -8.71 5.80 3.07
C ALA A 52 -7.79 4.99 3.98
N TYR A 53 -7.52 3.75 3.59
CA TYR A 53 -6.74 2.87 4.45
C TYR A 53 -5.28 3.31 4.57
N LYS A 54 -4.70 3.89 3.53
CA LYS A 54 -3.33 4.36 3.67
C LYS A 54 -3.24 5.43 4.74
N ASN A 55 -4.19 6.36 4.80
CA ASN A 55 -4.20 7.38 5.84
C ASN A 55 -4.40 6.77 7.22
N VAL A 56 -5.34 5.83 7.37
CA VAL A 56 -5.56 5.22 8.68
C VAL A 56 -4.30 4.50 9.16
N VAL A 57 -3.73 3.63 8.31
CA VAL A 57 -2.62 2.82 8.78
C VAL A 57 -1.42 3.73 8.89
N GLY A 58 -1.34 4.79 8.09
CA GLY A 58 -0.18 5.66 8.15
C GLY A 58 -0.05 6.35 9.51
N GLY A 59 -1.16 6.83 10.06
CA GLY A 59 -1.22 7.35 11.41
C GLY A 59 -0.77 6.31 12.43
N GLN A 60 -1.25 5.07 12.27
CA GLN A 60 -0.98 4.03 13.24
C GLN A 60 0.51 3.70 13.21
N ARG A 61 1.06 3.60 11.98
CA ARG A 61 2.46 3.26 11.82
C ARG A 61 3.33 4.35 12.43
N ALA A 62 2.98 5.62 12.20
CA ALA A 62 3.77 6.71 12.74
C ALA A 62 3.75 6.66 14.27
N ALA A 63 2.60 6.36 14.88
CA ALA A 63 2.50 6.27 16.33
C ALA A 63 3.30 5.09 16.87
N TRP A 64 3.20 3.94 16.20
CA TRP A 64 3.95 2.74 16.54
C TRP A 64 5.45 3.04 16.59
N ARG A 65 5.95 3.74 15.55
CA ARG A 65 7.37 4.03 15.52
C ARG A 65 7.81 4.93 16.67
N VAL A 66 7.00 5.95 16.99
CA VAL A 66 7.29 6.83 18.11
C VAL A 66 7.40 5.98 19.38
N LEU A 67 6.41 5.10 19.60
CA LEU A 67 6.37 4.29 20.81
C LEU A 67 7.50 3.27 20.88
N SER A 68 7.79 2.64 19.74
N SER A 68 7.77 2.59 19.76
CA SER A 68 8.84 1.64 19.64
CA SER A 68 8.87 1.64 19.70
C SER A 68 10.19 2.27 19.98
C SER A 68 10.20 2.30 20.04
N SER A 69 10.38 3.52 19.57
CA SER A 69 11.64 4.21 19.80
C SER A 69 11.78 4.51 21.29
N ILE A 70 10.69 4.96 21.92
CA ILE A 70 10.73 5.22 23.36
C ILE A 70 11.02 3.91 24.11
N GLU A 71 10.40 2.82 23.66
CA GLU A 71 10.52 1.51 24.28
C GLU A 71 11.99 1.06 24.17
N GLN A 72 12.58 1.26 23.00
CA GLN A 72 13.96 0.81 22.79
C GLN A 72 14.91 1.61 23.70
N LYS A 73 14.68 2.90 23.81
CA LYS A 73 15.50 3.74 24.67
C LYS A 73 15.33 3.42 26.16
N SER A 74 14.18 2.86 26.53
CA SER A 74 13.99 2.40 27.89
C SER A 74 14.83 1.16 28.22
N ASN A 75 15.38 0.47 27.21
CA ASN A 75 16.13 -0.76 27.42
C ASN A 75 17.67 -0.67 27.31
N LYS A 82 11.71 2.10 34.45
CA LYS A 82 10.27 2.29 34.49
C LYS A 82 9.57 0.95 34.33
N GLY A 83 8.23 1.00 34.41
CA GLY A 83 7.38 -0.19 34.42
C GLY A 83 6.79 -0.55 33.06
N PRO A 84 5.63 -1.22 33.03
CA PRO A 84 5.15 -1.85 31.81
C PRO A 84 4.40 -0.96 30.79
N GLU A 85 4.23 0.32 31.11
CA GLU A 85 3.30 1.17 30.38
C GLU A 85 3.68 1.40 28.92
N VAL A 86 4.97 1.68 28.64
CA VAL A 86 5.37 1.96 27.27
C VAL A 86 5.13 0.71 26.43
N ARG A 87 5.57 -0.45 26.93
CA ARG A 87 5.34 -1.69 26.22
C ARG A 87 3.86 -1.96 26.01
N GLU A 88 3.04 -1.75 27.06
CA GLU A 88 1.62 -1.99 26.96
C GLU A 88 0.98 -1.12 25.88
N TYR A 89 1.38 0.15 25.85
CA TYR A 89 0.69 1.08 24.94
C TYR A 89 1.18 0.81 23.50
N ARG A 90 2.49 0.52 23.35
CA ARG A 90 2.99 0.08 22.05
C ARG A 90 2.23 -1.13 21.56
N LYS A 91 2.02 -2.10 22.44
CA LYS A 91 1.25 -3.27 22.10
C LYS A 91 -0.18 -2.92 21.67
N LYS A 92 -0.79 -1.97 22.35
CA LYS A 92 -2.15 -1.59 22.04
C LYS A 92 -2.21 -1.02 20.62
N VAL A 93 -1.33 -0.08 20.31
CA VAL A 93 -1.29 0.51 18.98
C VAL A 93 -0.99 -0.56 17.95
N GLU A 94 -0.04 -1.47 18.25
CA GLU A 94 0.32 -2.53 17.33
C GLU A 94 -0.86 -3.45 17.01
N THR A 95 -1.64 -3.83 18.03
CA THR A 95 -2.78 -4.67 17.79
C THR A 95 -3.81 -3.96 16.90
N GLU A 96 -4.02 -2.67 17.12
CA GLU A 96 -4.98 -1.88 16.35
C GLU A 96 -4.54 -1.83 14.88
N LEU A 97 -3.24 -1.61 14.71
CA LEU A 97 -2.65 -1.60 13.37
C LEU A 97 -2.85 -2.95 12.68
N GLN A 98 -2.55 -4.05 13.37
CA GLN A 98 -2.69 -5.38 12.82
C GLN A 98 -4.14 -5.60 12.43
N GLY A 99 -5.04 -5.06 13.24
CA GLY A 99 -6.44 -5.23 12.94
C GLY A 99 -6.88 -4.56 11.64
N VAL A 100 -6.38 -3.36 11.39
CA VAL A 100 -6.68 -2.63 10.18
C VAL A 100 -6.09 -3.39 8.98
N CYS A 101 -4.84 -3.84 9.12
CA CYS A 101 -4.22 -4.60 8.05
C CYS A 101 -5.01 -5.86 7.72
N ASP A 102 -5.43 -6.59 8.76
CA ASP A 102 -6.23 -7.77 8.55
C ASP A 102 -7.55 -7.47 7.87
N THR A 103 -8.15 -6.33 8.19
CA THR A 103 -9.42 -5.93 7.56
C THR A 103 -9.21 -5.73 6.07
N VAL A 104 -8.14 -4.99 5.73
CA VAL A 104 -7.88 -4.70 4.32
C VAL A 104 -7.61 -6.00 3.59
N LEU A 105 -6.75 -6.86 4.19
CA LEU A 105 -6.38 -8.11 3.57
C LEU A 105 -7.62 -9.00 3.40
N GLY A 106 -8.53 -8.90 4.37
CA GLY A 106 -9.76 -9.65 4.28
C GLY A 106 -10.67 -9.16 3.15
N LEU A 107 -10.73 -7.85 2.89
CA LEU A 107 -11.48 -7.33 1.75
C LEU A 107 -10.86 -7.83 0.45
N LEU A 108 -9.53 -7.81 0.38
CA LEU A 108 -8.88 -8.25 -0.84
C LEU A 108 -9.17 -9.72 -1.09
N ASP A 109 -9.23 -10.51 -0.03
CA ASP A 109 -9.47 -11.95 -0.16
C ASP A 109 -10.96 -12.30 -0.30
N SER A 110 -11.85 -11.37 0.03
CA SER A 110 -13.28 -11.64 0.05
C SER A 110 -14.06 -10.46 -0.53
N HIS A 111 -14.05 -10.24 -1.86
CA HIS A 111 -13.54 -11.12 -2.88
C HIS A 111 -12.91 -10.30 -3.99
N LEU A 112 -12.22 -9.20 -3.63
CA LEU A 112 -11.77 -8.27 -4.66
C LEU A 112 -10.78 -8.87 -5.64
N ILE A 113 -9.78 -9.61 -5.16
CA ILE A 113 -8.75 -10.14 -6.06
C ILE A 113 -9.35 -11.21 -6.99
N LYS A 114 -10.10 -12.12 -6.40
CA LYS A 114 -10.63 -13.20 -7.21
C LYS A 114 -11.54 -12.72 -8.34
N GLU A 115 -12.25 -11.59 -8.19
CA GLU A 115 -13.15 -11.13 -9.22
C GLU A 115 -12.45 -10.18 -10.17
N ALA A 116 -11.20 -9.82 -9.89
CA ALA A 116 -10.46 -8.87 -10.72
C ALA A 116 -9.81 -9.56 -11.91
N GLY A 117 -10.40 -9.36 -13.08
CA GLY A 117 -9.88 -9.92 -14.32
C GLY A 117 -9.00 -9.01 -15.15
N ASP A 118 -9.26 -7.72 -15.12
CA ASP A 118 -8.48 -6.83 -15.94
C ASP A 118 -7.17 -6.61 -15.22
N ALA A 119 -6.10 -6.42 -16.00
CA ALA A 119 -4.77 -6.40 -15.44
C ALA A 119 -4.63 -5.25 -14.47
N GLU A 120 -5.20 -4.08 -14.79
CA GLU A 120 -5.03 -2.93 -13.97
C GLU A 120 -5.64 -3.15 -12.58
N SER A 121 -6.86 -3.71 -12.54
N SER A 121 -6.85 -3.70 -12.53
CA SER A 121 -7.51 -3.96 -11.26
CA SER A 121 -7.47 -3.94 -11.25
C SER A 121 -6.74 -5.02 -10.48
C SER A 121 -6.68 -5.00 -10.49
N ARG A 122 -6.33 -6.09 -11.15
CA ARG A 122 -5.66 -7.17 -10.45
C ARG A 122 -4.31 -6.72 -9.86
N VAL A 123 -3.54 -5.99 -10.65
CA VAL A 123 -2.28 -5.46 -10.18
C VAL A 123 -2.50 -4.51 -9.00
N PHE A 124 -3.52 -3.64 -9.11
CA PHE A 124 -3.83 -2.71 -8.02
C PHE A 124 -4.05 -3.45 -6.69
N TYR A 125 -4.85 -4.50 -6.75
CA TYR A 125 -5.21 -5.20 -5.53
C TYR A 125 -4.04 -6.01 -5.02
N LEU A 126 -3.26 -6.63 -5.92
CA LEU A 126 -2.10 -7.35 -5.44
C LEU A 126 -1.01 -6.47 -4.87
N LYS A 127 -0.84 -5.27 -5.43
CA LYS A 127 0.03 -4.27 -4.84
C LYS A 127 -0.43 -3.96 -3.41
N MET A 128 -1.74 -3.71 -3.24
CA MET A 128 -2.29 -3.43 -1.92
C MET A 128 -1.96 -4.60 -0.98
N LYS A 129 -2.16 -5.83 -1.45
CA LYS A 129 -1.92 -7.00 -0.63
C LYS A 129 -0.46 -7.05 -0.19
N GLY A 130 0.47 -6.78 -1.10
CA GLY A 130 1.86 -6.66 -0.71
C GLY A 130 2.13 -5.61 0.35
N ASP A 131 1.56 -4.42 0.14
CA ASP A 131 1.77 -3.30 1.02
C ASP A 131 1.26 -3.62 2.45
N TYR A 132 0.09 -4.24 2.55
CA TYR A 132 -0.46 -4.49 3.88
C TYR A 132 0.22 -5.67 4.57
N TYR A 133 0.70 -6.66 3.83
CA TYR A 133 1.60 -7.64 4.47
C TYR A 133 2.94 -6.99 4.88
N ARG A 134 3.44 -6.02 4.09
CA ARG A 134 4.62 -5.28 4.45
C ARG A 134 4.44 -4.54 5.78
N TYR A 135 3.30 -3.87 5.95
CA TYR A 135 3.04 -3.22 7.21
C TYR A 135 3.02 -4.23 8.37
N LEU A 136 2.38 -5.36 8.16
CA LEU A 136 2.38 -6.42 9.19
C LEU A 136 3.82 -6.87 9.46
N ALA A 137 4.65 -6.92 8.43
CA ALA A 137 6.05 -7.32 8.62
C ALA A 137 6.83 -6.34 9.48
N GLU A 138 6.54 -5.05 9.35
CA GLU A 138 7.25 -4.00 10.07
C GLU A 138 7.16 -4.23 11.57
N VAL A 139 6.05 -4.83 12.03
CA VAL A 139 5.86 -5.03 13.46
C VAL A 139 5.98 -6.46 13.95
N ALA A 140 6.25 -7.39 13.04
CA ALA A 140 6.30 -8.80 13.34
C ALA A 140 7.66 -9.16 13.93
N THR A 141 7.66 -10.15 14.82
CA THR A 141 8.90 -10.66 15.42
C THR A 141 9.09 -12.18 15.42
N GLY A 142 10.12 -12.64 14.68
CA GLY A 142 10.56 -14.04 14.67
C GLY A 142 10.15 -14.87 13.45
N ASP A 143 9.28 -15.87 13.68
CA ASP A 143 8.91 -16.84 12.66
C ASP A 143 7.65 -16.49 11.87
N ASP A 144 6.56 -16.14 12.54
CA ASP A 144 5.45 -15.59 11.79
C ASP A 144 6.03 -14.51 10.88
N LYS A 145 7.09 -13.81 11.33
CA LYS A 145 7.71 -12.75 10.55
C LYS A 145 8.10 -13.28 9.17
N LYS A 146 8.71 -14.47 9.13
CA LYS A 146 9.13 -15.01 7.84
C LYS A 146 7.96 -15.28 6.91
N ARG A 147 6.85 -15.83 7.42
CA ARG A 147 5.75 -16.19 6.55
C ARG A 147 5.07 -14.88 6.12
N ILE A 148 5.04 -13.87 6.98
CA ILE A 148 4.45 -12.59 6.60
C ILE A 148 5.27 -11.97 5.46
N ILE A 149 6.60 -11.93 5.64
CA ILE A 149 7.47 -11.41 4.61
C ILE A 149 7.29 -12.17 3.30
N ASP A 150 7.16 -13.49 3.35
CA ASP A 150 6.96 -14.22 2.12
C ASP A 150 5.60 -13.95 1.47
N SER A 151 4.56 -13.76 2.28
CA SER A 151 3.28 -13.36 1.76
C SER A 151 3.35 -12.00 1.04
N ALA A 152 4.05 -11.04 1.63
CA ALA A 152 4.24 -9.77 0.91
C ALA A 152 4.96 -9.95 -0.42
N ARG A 153 6.06 -10.67 -0.36
CA ARG A 153 6.87 -10.92 -1.53
C ARG A 153 6.09 -11.58 -2.65
N SER A 154 5.28 -12.59 -2.29
CA SER A 154 4.51 -13.34 -3.25
C SER A 154 3.46 -12.47 -3.95
N ALA A 155 2.83 -11.61 -3.18
CA ALA A 155 1.84 -10.70 -3.74
C ALA A 155 2.49 -9.70 -4.70
N TYR A 156 3.55 -9.05 -4.23
CA TYR A 156 4.28 -8.12 -5.11
C TYR A 156 4.77 -8.81 -6.37
N GLN A 157 5.30 -10.03 -6.25
CA GLN A 157 5.87 -10.72 -7.40
C GLN A 157 4.80 -11.05 -8.43
N GLU A 158 3.63 -11.51 -7.96
CA GLU A 158 2.52 -11.77 -8.88
C GLU A 158 2.09 -10.49 -9.60
N ALA A 159 1.99 -9.41 -8.84
CA ALA A 159 1.65 -8.14 -9.44
C ALA A 159 2.70 -7.70 -10.46
N MET A 160 3.98 -7.90 -10.17
CA MET A 160 5.05 -7.48 -11.07
C MET A 160 4.94 -8.29 -12.35
N ASP A 161 4.72 -9.60 -12.23
CA ASP A 161 4.64 -10.43 -13.41
C ASP A 161 3.48 -10.02 -14.33
N ILE A 162 2.31 -9.72 -13.77
CA ILE A 162 1.20 -9.25 -14.58
C ILE A 162 1.50 -7.89 -15.20
N SER A 163 2.04 -6.96 -14.42
CA SER A 163 2.29 -5.60 -14.89
C SER A 163 3.27 -5.61 -16.05
N LYS A 164 4.29 -6.47 -16.00
CA LYS A 164 5.31 -6.49 -17.03
C LYS A 164 4.72 -7.01 -18.33
N LYS A 165 3.76 -7.93 -18.24
CA LYS A 165 3.15 -8.53 -19.43
C LYS A 165 2.06 -7.64 -20.04
N GLU A 166 1.32 -6.93 -19.18
CA GLU A 166 0.07 -6.33 -19.61
C GLU A 166 -0.04 -4.81 -19.59
N MET A 167 0.91 -4.12 -18.95
CA MET A 167 0.86 -2.68 -18.81
C MET A 167 2.12 -2.03 -19.36
N PRO A 168 2.02 -0.79 -19.90
CA PRO A 168 3.20 -0.06 -20.33
C PRO A 168 4.10 0.27 -19.15
N PRO A 169 5.41 0.45 -19.40
CA PRO A 169 6.37 0.75 -18.35
C PRO A 169 6.15 2.07 -17.65
N THR A 170 5.30 2.93 -18.22
CA THR A 170 5.00 4.20 -17.62
C THR A 170 3.69 4.20 -16.83
N ASN A 171 2.96 3.08 -16.85
CA ASN A 171 1.68 3.04 -16.16
C ASN A 171 1.88 3.39 -14.68
N PRO A 172 1.13 4.34 -14.11
CA PRO A 172 1.36 4.74 -12.72
C PRO A 172 1.25 3.62 -11.72
N ILE A 173 0.32 2.69 -11.92
CA ILE A 173 0.18 1.56 -11.03
C ILE A 173 1.43 0.69 -11.10
N ARG A 174 1.90 0.41 -12.32
CA ARG A 174 3.13 -0.34 -12.49
C ARG A 174 4.31 0.36 -11.80
N LEU A 175 4.43 1.69 -11.99
CA LEU A 175 5.51 2.44 -11.37
C LEU A 175 5.43 2.43 -9.85
N GLY A 176 4.24 2.68 -9.33
CA GLY A 176 4.05 2.65 -7.88
C GLY A 176 4.33 1.29 -7.25
N LEU A 177 3.89 0.24 -7.93
CA LEU A 177 4.18 -1.11 -7.48
C LEU A 177 5.69 -1.31 -7.40
N ALA A 178 6.41 -0.90 -8.46
CA ALA A 178 7.85 -1.09 -8.44
C ALA A 178 8.51 -0.30 -7.32
N LEU A 179 8.06 0.95 -7.10
CA LEU A 179 8.56 1.78 -6.01
C LEU A 179 8.36 1.05 -4.67
N ASN A 180 7.15 0.54 -4.44
CA ASN A 180 6.86 -0.06 -3.14
C ASN A 180 7.57 -1.41 -2.97
N PHE A 181 7.66 -2.20 -4.05
CA PHE A 181 8.37 -3.47 -3.96
C PHE A 181 9.85 -3.21 -3.71
N SER A 182 10.41 -2.16 -4.31
CA SER A 182 11.81 -1.81 -4.05
C SER A 182 12.02 -1.41 -2.60
N VAL A 183 11.09 -0.66 -2.01
CA VAL A 183 11.12 -0.38 -0.58
C VAL A 183 11.03 -1.65 0.27
N PHE A 184 10.18 -2.60 -0.12
CA PHE A 184 10.07 -3.90 0.53
C PHE A 184 11.49 -4.51 0.53
N HIS A 185 12.16 -4.56 -0.63
CA HIS A 185 13.46 -5.19 -0.66
C HIS A 185 14.45 -4.51 0.28
N TYR A 186 14.45 -3.17 0.29
CA TYR A 186 15.44 -2.40 1.06
C TYR A 186 15.16 -2.49 2.57
N GLU A 187 13.90 -2.32 2.95
CA GLU A 187 13.57 -2.13 4.35
C GLU A 187 13.16 -3.40 5.08
N ILE A 188 12.61 -4.37 4.37
CA ILE A 188 12.04 -5.57 4.96
C ILE A 188 12.88 -6.80 4.69
N ALA A 189 13.24 -7.02 3.41
CA ALA A 189 13.93 -8.23 3.01
C ALA A 189 15.45 -8.21 3.13
N ASN A 190 16.02 -7.10 3.58
CA ASN A 190 17.45 -6.98 3.76
C ASN A 190 18.14 -7.23 2.43
N SER A 191 17.58 -6.64 1.36
CA SER A 191 18.09 -6.90 0.01
C SER A 191 18.30 -5.57 -0.71
N PRO A 192 19.22 -4.70 -0.23
CA PRO A 192 19.39 -3.38 -0.80
C PRO A 192 19.81 -3.39 -2.27
N GLU A 193 20.59 -4.38 -2.67
CA GLU A 193 21.01 -4.40 -4.05
C GLU A 193 19.85 -4.70 -4.99
N GLU A 194 18.94 -5.61 -4.60
CA GLU A 194 17.74 -5.89 -5.36
C GLU A 194 16.88 -4.63 -5.45
N ALA A 195 16.73 -3.95 -4.31
CA ALA A 195 16.01 -2.68 -4.26
C ALA A 195 16.53 -1.67 -5.29
N ILE A 196 17.83 -1.42 -5.24
CA ILE A 196 18.46 -0.50 -6.18
C ILE A 196 18.30 -0.93 -7.65
N SER A 197 18.53 -2.21 -7.93
N SER A 197 18.52 -2.21 -7.93
CA SER A 197 18.37 -2.75 -9.27
CA SER A 197 18.37 -2.76 -9.28
C SER A 197 16.96 -2.48 -9.76
C SER A 197 16.95 -2.63 -9.82
N LEU A 198 15.96 -2.85 -8.95
CA LEU A 198 14.59 -2.72 -9.38
C LEU A 198 14.27 -1.25 -9.66
N ALA A 199 14.68 -0.36 -8.76
CA ALA A 199 14.36 1.04 -8.95
C ALA A 199 15.01 1.60 -10.23
N LYS A 200 16.27 1.24 -10.46
CA LYS A 200 16.98 1.73 -11.64
C LYS A 200 16.39 1.21 -12.94
N THR A 201 16.11 -0.07 -13.01
CA THR A 201 15.55 -0.65 -14.21
C THR A 201 14.17 -0.07 -14.47
N THR A 202 13.37 0.08 -13.41
CA THR A 202 12.04 0.67 -13.60
C THR A 202 12.14 2.09 -14.14
N PHE A 203 13.05 2.87 -13.57
CA PHE A 203 13.20 4.27 -13.98
C PHE A 203 13.57 4.31 -15.47
N ASP A 204 14.58 3.54 -15.84
CA ASP A 204 15.12 3.55 -17.20
C ASP A 204 14.09 3.12 -18.22
N GLU A 205 13.31 2.09 -17.91
CA GLU A 205 12.32 1.61 -18.84
C GLU A 205 11.18 2.61 -18.99
N ALA A 206 10.85 3.31 -17.93
CA ALA A 206 9.83 4.35 -18.03
C ALA A 206 10.36 5.53 -18.86
N MET A 207 11.56 6.01 -18.56
CA MET A 207 12.16 7.09 -19.33
C MET A 207 11.99 6.87 -20.84
N ALA A 208 12.32 5.65 -21.25
CA ALA A 208 12.31 5.27 -22.65
C ALA A 208 10.92 5.27 -23.30
N ASP A 209 9.85 5.30 -22.48
CA ASP A 209 8.49 5.26 -22.99
C ASP A 209 7.75 6.58 -22.83
N LEU A 210 8.38 7.59 -22.21
CA LEU A 210 7.77 8.88 -21.98
C LEU A 210 7.30 9.52 -23.27
N HIS A 211 7.98 9.25 -24.38
CA HIS A 211 7.69 9.93 -25.62
C HIS A 211 6.28 9.59 -26.12
N THR A 212 5.70 8.50 -25.60
CA THR A 212 4.41 8.03 -26.08
C THR A 212 3.24 8.74 -25.41
N LEU A 213 3.54 9.47 -24.33
CA LEU A 213 2.55 10.01 -23.42
C LEU A 213 2.04 11.39 -23.80
N SER A 214 0.74 11.58 -23.55
CA SER A 214 0.20 12.93 -23.46
C SER A 214 0.73 13.71 -22.28
N GLU A 215 0.50 15.04 -22.29
CA GLU A 215 0.99 15.90 -21.23
C GLU A 215 0.50 15.46 -19.84
N ASP A 216 -0.78 15.08 -19.72
CA ASP A 216 -1.32 14.69 -18.41
C ASP A 216 -0.75 13.37 -17.88
N SER A 217 -0.57 12.41 -18.78
CA SER A 217 0.03 11.13 -18.42
C SER A 217 1.51 11.29 -18.08
N TYR A 218 2.18 12.11 -18.89
CA TYR A 218 3.56 12.44 -18.64
C TYR A 218 3.76 12.98 -17.22
N LYS A 219 2.87 13.91 -16.80
CA LYS A 219 2.97 14.48 -15.46
C LYS A 219 2.93 13.41 -14.37
N ASP A 220 1.98 12.49 -14.49
CA ASP A 220 1.84 11.45 -13.49
C ASP A 220 3.03 10.48 -13.45
N SER A 221 3.44 10.02 -14.65
CA SER A 221 4.57 9.09 -14.73
C SER A 221 5.84 9.74 -14.17
N THR A 222 6.12 10.99 -14.58
CA THR A 222 7.33 11.61 -14.16
C THR A 222 7.36 11.92 -12.67
N LEU A 223 6.20 12.18 -12.08
CA LEU A 223 6.15 12.35 -10.63
C LEU A 223 6.67 11.10 -9.93
N ILE A 224 6.19 9.93 -10.37
CA ILE A 224 6.61 8.73 -9.67
C ILE A 224 8.07 8.42 -9.97
N MET A 225 8.49 8.68 -11.22
CA MET A 225 9.88 8.48 -11.57
C MET A 225 10.80 9.29 -10.68
N GLN A 226 10.40 10.53 -10.35
CA GLN A 226 11.17 11.35 -9.43
C GLN A 226 11.29 10.73 -8.04
N LEU A 227 10.20 10.09 -7.57
CA LEU A 227 10.27 9.40 -6.30
C LEU A 227 11.18 8.17 -6.34
N LEU A 228 11.21 7.41 -7.45
CA LEU A 228 12.21 6.37 -7.62
C LEU A 228 13.62 6.94 -7.53
N ARG A 229 13.88 8.03 -8.27
CA ARG A 229 15.19 8.68 -8.26
C ARG A 229 15.58 9.14 -6.86
N ASP A 230 14.61 9.71 -6.13
CA ASP A 230 14.85 10.16 -4.77
C ASP A 230 15.30 9.00 -3.90
N ASN A 231 14.67 7.81 -4.03
CA ASN A 231 15.10 6.67 -3.27
C ASN A 231 16.49 6.22 -3.68
N LEU A 232 16.75 6.16 -4.99
CA LEU A 232 18.09 5.80 -5.47
C LEU A 232 19.16 6.71 -4.91
N THR A 233 18.88 8.02 -4.85
CA THR A 233 19.77 8.98 -4.23
C THR A 233 20.04 8.67 -2.75
N LEU A 234 18.98 8.35 -2.00
CA LEU A 234 19.13 8.03 -0.59
C LEU A 234 19.94 6.74 -0.38
N TRP A 235 19.82 5.79 -1.31
CA TRP A 235 20.35 4.46 -1.13
C TRP A 235 21.78 4.30 -1.67
N THR A 236 22.25 5.31 -2.41
CA THR A 236 23.59 5.29 -3.01
C THR A 236 24.37 6.60 -2.68
N ARG B 2 13.18 5.73 7.72
CA ARG B 2 12.86 4.69 6.74
C ARG B 2 12.66 5.31 5.36
N THR B 3 12.90 4.52 4.31
CA THR B 3 12.73 5.01 2.95
C THR B 3 11.28 5.37 2.61
N PRO B 4 11.02 6.51 1.94
CA PRO B 4 9.67 6.76 1.44
C PRO B 4 9.08 5.79 0.41
N LEU B 6 5.21 4.97 -1.82
CA LEU B 6 4.37 5.83 -2.63
C LEU B 6 3.47 6.66 -1.72
N PRO B 7 3.38 7.98 -1.91
CA PRO B 7 2.38 8.82 -1.24
C PRO B 7 1.02 8.69 -1.92
N THR B 8 -0.03 9.31 -1.36
CA THR B 8 -1.28 9.40 -2.11
C THR B 8 -1.16 10.26 -3.37
N PRO B 9 -1.96 10.00 -4.42
CA PRO B 9 -1.89 10.76 -5.67
C PRO B 9 -2.07 12.27 -5.46
#